data_5IL3
#
_entry.id   5IL3
#
_cell.length_a   126.730
_cell.length_b   126.730
_cell.length_c   123.050
_cell.angle_alpha   90.00
_cell.angle_beta   90.00
_cell.angle_gamma   90.00
#
_symmetry.space_group_name_H-M   'P 41 21 2'
#
loop_
_entity.id
_entity.type
_entity.pdbx_description
1 polymer '5-epi-aristolochene synthase'
2 non-polymer 'MAGNESIUM ION'
3 non-polymer '(2S)-2-hydroxy-3-(morpholin-4-yl)propane-1-sulfonic acid'
4 non-polymer '(2R)-2-hydroxy-3-(morpholin-4-yl)propane-1-sulfonic acid'
5 water water
#
_entity_poly.entity_id   1
_entity_poly.type   'polypeptide(L)'
_entity_poly.pdbx_seq_one_letter_code
;GSMASAAVANYEEEIVRPVADFSPSLWGDQFLSFSIKNQVAEKYAKEIEALKEQTRNMLLATGMKLADTLNLIDTIERLG
ISYHFEKEIDDILDQIYNQNSNCNDLCTSALQFRLLRQHGFNISPEIFSKFQDENGKFKESLASDVLGLLNLYEASHVRT
HADDILEDALAFSTIHLESAAPHLKSPLREQVTHALEQCLHKGVPRVETRFFISSIYDKEQSKNNVLLRFAKLDFNLLQM
LHKQELAQVSRWWKDLDFVTTLPYARDRVVECYFWALGVYFEPQYSQARVMLVKTISMISIVDDTFDAYGTVKELEAYTD
AIQRWDINEIDRLPDYMKISYKAILDLYKDYEKELSSAGRSHIVCHAIERMKEVVRNYNVESTWFIEGYTPPVSEYLSNA
LATTTYYYLATTSYLGMKSATEQDFEWLSKNPKILEASVIICRVIDDTATYEVEKSRGQIATGIECCMRDYGISTKEAMA
KFQNMAETAWKDINEGLLRPTPVSTEFLTPILNLARIVEVTYIHNLDGYTHPEKVLKPHIINLLVDSIKI
;
_entity_poly.pdbx_strand_id   A
#
loop_
_chem_comp.id
_chem_comp.type
_chem_comp.name
_chem_comp.formula
6BX non-polymer '(2S)-2-hydroxy-3-(morpholin-4-yl)propane-1-sulfonic acid' 'C7 H15 N O5 S'
6BY non-polymer '(2R)-2-hydroxy-3-(morpholin-4-yl)propane-1-sulfonic acid' 'C7 H15 N O5 S'
MG non-polymer 'MAGNESIUM ION' 'Mg 2'
#
# COMPACT_ATOMS: atom_id res chain seq x y z
N ILE A 15 -39.50 -7.63 4.60
CA ILE A 15 -38.11 -7.79 5.03
C ILE A 15 -37.62 -6.62 5.87
N VAL A 16 -37.25 -6.90 7.11
CA VAL A 16 -36.71 -5.87 7.99
C VAL A 16 -35.18 -5.87 7.90
N ARG A 17 -34.63 -4.78 7.39
CA ARG A 17 -33.18 -4.69 7.19
C ARG A 17 -32.50 -4.29 8.50
N PRO A 18 -31.21 -4.63 8.65
CA PRO A 18 -30.49 -4.21 9.88
C PRO A 18 -30.25 -2.71 9.87
N VAL A 19 -30.20 -2.09 11.05
CA VAL A 19 -30.07 -0.65 11.15
C VAL A 19 -28.67 -0.19 10.76
N ALA A 20 -28.61 0.88 9.97
CA ALA A 20 -27.34 1.47 9.52
C ALA A 20 -26.49 1.94 10.70
N ASP A 21 -25.17 1.93 10.52
CA ASP A 21 -24.27 2.15 11.64
C ASP A 21 -22.95 2.81 11.24
N PHE A 22 -22.69 2.90 9.95
CA PHE A 22 -21.45 3.50 9.47
C PHE A 22 -21.48 5.02 9.62
N SER A 23 -20.36 5.58 10.05
CA SER A 23 -20.20 7.02 10.11
C SER A 23 -20.24 7.61 8.71
N PRO A 24 -20.85 8.81 8.55
CA PRO A 24 -20.90 9.48 7.25
C PRO A 24 -19.51 9.88 6.77
N SER A 25 -19.39 10.17 5.47
CA SER A 25 -18.15 10.74 4.94
C SER A 25 -17.87 12.04 5.65
N LEU A 26 -16.65 12.21 6.14
CA LEU A 26 -16.37 13.38 6.94
C LEU A 26 -15.89 14.56 6.10
N TRP A 27 -15.93 14.39 4.78
CA TRP A 27 -15.36 15.38 3.86
C TRP A 27 -16.36 16.30 3.16
N GLY A 28 -17.63 15.91 3.16
CA GLY A 28 -18.65 16.68 2.47
C GLY A 28 -18.32 16.87 1.00
N ASP A 29 -18.29 18.12 0.55
CA ASP A 29 -18.04 18.41 -0.86
C ASP A 29 -16.74 19.20 -1.05
N GLN A 30 -15.86 19.19 -0.06
CA GLN A 30 -14.68 20.03 -0.09
C GLN A 30 -13.68 19.64 -1.17
N PHE A 31 -13.83 18.44 -1.75
CA PHE A 31 -12.96 18.01 -2.84
C PHE A 31 -13.59 18.10 -4.22
N LEU A 32 -14.87 18.48 -4.27
CA LEU A 32 -15.67 18.32 -5.48
C LEU A 32 -15.22 19.23 -6.62
N SER A 33 -14.78 20.43 -6.26
CA SER A 33 -14.33 21.37 -7.26
C SER A 33 -12.93 21.87 -6.90
N PHE A 34 -11.99 21.60 -7.79
CA PHE A 34 -10.67 22.19 -7.68
C PHE A 34 -10.27 22.80 -9.02
N SER A 35 -9.97 24.09 -9.00
CA SER A 35 -9.49 24.78 -10.19
C SER A 35 -7.99 25.08 -10.06
N ILE A 36 -7.19 24.34 -10.82
CA ILE A 36 -5.74 24.51 -10.78
C ILE A 36 -5.34 25.95 -11.18
N LYS A 37 -4.35 26.50 -10.49
CA LYS A 37 -3.79 27.78 -10.88
C LYS A 37 -2.68 27.53 -11.89
N ASN A 38 -3.00 27.68 -13.17
CA ASN A 38 -2.08 27.30 -14.24
C ASN A 38 -0.78 28.10 -14.23
N GLN A 39 -0.86 29.37 -13.83
CA GLN A 39 0.34 30.20 -13.75
C GLN A 39 1.28 29.67 -12.70
N VAL A 40 0.73 29.23 -11.57
CA VAL A 40 1.55 28.67 -10.50
C VAL A 40 2.10 27.32 -10.91
N ALA A 41 1.27 26.50 -11.54
CA ALA A 41 1.70 25.18 -12.00
C ALA A 41 2.83 25.28 -13.02
N GLU A 42 2.69 26.20 -13.97
CA GLU A 42 3.71 26.33 -15.01
C GLU A 42 5.01 26.87 -14.43
N LYS A 43 4.89 27.80 -13.47
CA LYS A 43 6.05 28.32 -12.76
C LYS A 43 6.80 27.21 -12.00
N TYR A 44 6.05 26.35 -11.31
CA TYR A 44 6.66 25.24 -10.57
C TYR A 44 7.38 24.29 -11.52
N ALA A 45 6.71 23.95 -12.61
CA ALA A 45 7.24 22.99 -13.57
C ALA A 45 8.54 23.52 -14.17
N LYS A 46 8.56 24.80 -14.52
CA LYS A 46 9.73 25.41 -15.13
C LYS A 46 10.93 25.38 -14.18
N GLU A 47 10.70 25.70 -12.91
CA GLU A 47 11.81 25.67 -11.96
C GLU A 47 12.26 24.25 -11.69
N ILE A 48 11.31 23.33 -11.61
CA ILE A 48 11.62 21.92 -11.35
C ILE A 48 12.51 21.36 -12.45
N GLU A 49 12.28 21.78 -13.69
CA GLU A 49 13.14 21.34 -14.79
C GLU A 49 14.60 21.71 -14.53
N ALA A 50 14.83 22.90 -14.00
CA ALA A 50 16.18 23.35 -13.70
C ALA A 50 16.75 22.58 -12.52
N LEU A 51 15.98 22.48 -11.44
CA LEU A 51 16.39 21.76 -10.25
C LEU A 51 16.65 20.27 -10.53
N LYS A 52 15.84 19.69 -11.41
CA LYS A 52 15.97 18.29 -11.78
C LYS A 52 17.33 18.03 -12.42
N GLU A 53 17.78 18.95 -13.28
CA GLU A 53 19.06 18.81 -13.93
C GLU A 53 20.23 19.00 -12.97
N GLN A 54 20.12 19.97 -12.06
CA GLN A 54 21.13 20.15 -11.03
C GLN A 54 21.27 18.87 -10.21
N THR A 55 20.15 18.24 -9.92
CA THR A 55 20.12 17.06 -9.07
C THR A 55 20.69 15.85 -9.82
N ARG A 56 20.37 15.75 -11.11
CA ARG A 56 20.97 14.71 -11.95
C ARG A 56 22.49 14.84 -11.93
N ASN A 57 22.99 16.06 -12.03
CA ASN A 57 24.43 16.31 -12.01
C ASN A 57 25.06 15.95 -10.66
N MET A 58 24.30 16.13 -9.58
CA MET A 58 24.76 15.66 -8.26
C MET A 58 24.92 14.14 -8.26
N LEU A 59 23.95 13.43 -8.82
CA LEU A 59 24.00 11.97 -8.86
C LEU A 59 25.14 11.46 -9.72
N LEU A 60 25.45 12.18 -10.79
CA LEU A 60 26.44 11.75 -11.76
C LEU A 60 27.84 12.25 -11.43
N ALA A 61 28.00 12.92 -10.29
CA ALA A 61 29.29 13.45 -9.89
C ALA A 61 30.32 12.34 -9.73
N THR A 62 31.53 12.56 -10.26
CA THR A 62 32.60 11.57 -10.19
C THR A 62 33.34 11.65 -8.86
N GLY A 63 33.89 10.53 -8.42
CA GLY A 63 34.74 10.50 -7.25
C GLY A 63 34.07 10.74 -5.90
N MET A 64 32.81 10.36 -5.78
CA MET A 64 32.13 10.40 -4.48
C MET A 64 32.46 9.16 -3.65
N LYS A 65 32.58 9.32 -2.33
CA LYS A 65 32.77 8.18 -1.45
C LYS A 65 31.49 7.38 -1.37
N LEU A 66 31.61 6.10 -1.04
CA LEU A 66 30.45 5.22 -0.97
C LEU A 66 29.37 5.75 -0.04
N ALA A 67 29.77 6.16 1.16
CA ALA A 67 28.82 6.65 2.16
C ALA A 67 28.04 7.86 1.64
N ASP A 68 28.75 8.79 1.01
CA ASP A 68 28.12 9.98 0.46
C ASP A 68 27.14 9.66 -0.68
N THR A 69 27.53 8.71 -1.51
CA THR A 69 26.69 8.28 -2.62
C THR A 69 25.41 7.63 -2.11
N LEU A 70 25.53 6.75 -1.12
CA LEU A 70 24.35 6.08 -0.58
C LEU A 70 23.45 7.08 0.13
N ASN A 71 24.03 8.02 0.86
CA ASN A 71 23.22 9.01 1.56
C ASN A 71 22.47 9.93 0.59
N LEU A 72 23.12 10.28 -0.53
CA LEU A 72 22.47 11.11 -1.53
C LEU A 72 21.26 10.40 -2.12
N ILE A 73 21.45 9.15 -2.52
CA ILE A 73 20.35 8.37 -3.07
C ILE A 73 19.24 8.21 -2.05
N ASP A 74 19.60 7.88 -0.82
CA ASP A 74 18.61 7.71 0.24
C ASP A 74 17.80 9.00 0.45
N THR A 75 18.48 10.13 0.46
CA THR A 75 17.79 11.42 0.66
C THR A 75 16.85 11.72 -0.50
N ILE A 76 17.33 11.51 -1.73
CA ILE A 76 16.48 11.76 -2.89
C ILE A 76 15.26 10.83 -2.89
N GLU A 77 15.45 9.59 -2.46
CA GLU A 77 14.30 8.68 -2.35
C GLU A 77 13.32 9.12 -1.27
N ARG A 78 13.83 9.49 -0.09
CA ARG A 78 12.93 9.88 0.99
C ARG A 78 12.18 11.18 0.67
N LEU A 79 12.84 12.05 -0.10
CA LEU A 79 12.24 13.33 -0.53
C LEU A 79 11.16 13.16 -1.62
N GLY A 80 11.04 11.94 -2.13
CA GLY A 80 9.97 11.59 -3.05
C GLY A 80 10.20 12.02 -4.48
N ILE A 81 11.45 12.35 -4.80
CA ILE A 81 11.77 12.80 -6.15
C ILE A 81 12.63 11.79 -6.91
N SER A 82 12.82 10.60 -6.34
CA SER A 82 13.65 9.60 -7.02
C SER A 82 13.01 9.06 -8.30
N TYR A 83 11.69 9.21 -8.45
CA TYR A 83 11.05 8.69 -9.66
C TYR A 83 11.51 9.45 -10.91
N HIS A 84 12.17 10.60 -10.72
CA HIS A 84 12.78 11.32 -11.84
C HIS A 84 14.11 10.70 -12.28
N PHE A 85 14.68 9.83 -11.45
CA PHE A 85 16.07 9.40 -11.61
C PHE A 85 16.25 7.89 -11.55
N GLU A 86 15.27 7.16 -12.09
CA GLU A 86 15.29 5.70 -11.95
C GLU A 86 16.50 5.08 -12.64
N LYS A 87 16.81 5.56 -13.84
CA LYS A 87 17.99 5.12 -14.57
C LYS A 87 19.30 5.42 -13.83
N GLU A 88 19.47 6.66 -13.40
CA GLU A 88 20.70 7.08 -12.74
C GLU A 88 20.95 6.31 -11.43
N ILE A 89 19.89 6.15 -10.65
CA ILE A 89 19.99 5.48 -9.38
C ILE A 89 20.26 3.98 -9.59
N ASP A 90 19.61 3.39 -10.59
CA ASP A 90 19.82 1.98 -10.87
C ASP A 90 21.26 1.72 -11.30
N ASP A 91 21.78 2.57 -12.19
CA ASP A 91 23.16 2.46 -12.65
C ASP A 91 24.13 2.47 -11.48
N ILE A 92 23.93 3.40 -10.56
CA ILE A 92 24.82 3.57 -9.43
C ILE A 92 24.75 2.39 -8.46
N LEU A 93 23.54 1.95 -8.12
CA LEU A 93 23.38 0.80 -7.22
C LEU A 93 23.90 -0.49 -7.86
N ASP A 94 23.79 -0.60 -9.17
CA ASP A 94 24.29 -1.77 -9.87
C ASP A 94 25.82 -1.82 -9.78
N GLN A 95 26.45 -0.66 -9.92
CA GLN A 95 27.90 -0.59 -9.80
C GLN A 95 28.33 -0.96 -8.39
N ILE A 96 27.62 -0.44 -7.40
CA ILE A 96 27.92 -0.73 -5.99
C ILE A 96 27.73 -2.22 -5.68
N TYR A 97 26.64 -2.78 -6.17
CA TYR A 97 26.37 -4.22 -6.02
C TYR A 97 27.47 -5.09 -6.58
N ASN A 98 27.99 -4.72 -7.75
CA ASN A 98 28.98 -5.57 -8.41
C ASN A 98 30.41 -5.30 -7.97
N GLN A 99 30.65 -4.21 -7.25
CA GLN A 99 32.00 -3.92 -6.79
C GLN A 99 32.29 -4.64 -5.48
N ASN A 100 31.22 -4.93 -4.73
CA ASN A 100 31.31 -5.64 -3.46
C ASN A 100 32.35 -5.06 -2.50
N SER A 101 32.14 -3.81 -2.08
CA SER A 101 32.96 -3.22 -1.04
C SER A 101 32.39 -3.58 0.32
N ASN A 102 33.10 -4.43 1.04
CA ASN A 102 32.72 -4.84 2.39
C ASN A 102 33.76 -4.35 3.37
N CYS A 103 33.65 -3.08 3.76
CA CYS A 103 34.71 -2.42 4.50
C CYS A 103 34.25 -1.14 5.18
N ASN A 104 32.99 -1.11 5.60
CA ASN A 104 32.41 0.12 6.15
C ASN A 104 31.78 -0.04 7.52
N ASP A 105 31.48 1.10 8.15
CA ASP A 105 30.80 1.12 9.46
C ASP A 105 29.36 0.64 9.36
N LEU A 106 28.71 0.54 10.51
CA LEU A 106 27.37 -0.01 10.56
C LEU A 106 26.35 0.81 9.77
N CYS A 107 26.42 2.15 9.87
CA CYS A 107 25.46 3.00 9.19
CA CYS A 107 25.39 2.94 9.20
C CYS A 107 25.50 2.80 7.68
N THR A 108 26.71 2.83 7.13
CA THR A 108 26.89 2.70 5.69
C THR A 108 26.56 1.28 5.22
N SER A 109 26.98 0.28 6.00
CA SER A 109 26.68 -1.11 5.63
C SER A 109 25.18 -1.42 5.64
N ALA A 110 24.47 -0.96 6.67
CA ALA A 110 23.05 -1.22 6.74
C ALA A 110 22.26 -0.49 5.65
N LEU A 111 22.69 0.74 5.33
CA LEU A 111 22.03 1.52 4.27
C LEU A 111 22.30 0.88 2.91
N GLN A 112 23.54 0.46 2.69
CA GLN A 112 23.92 -0.26 1.48
C GLN A 112 23.04 -1.50 1.28
N PHE A 113 22.90 -2.28 2.33
CA PHE A 113 22.06 -3.48 2.29
C PHE A 113 20.61 -3.15 1.95
N ARG A 114 20.04 -2.18 2.66
CA ARG A 114 18.63 -1.85 2.42
C ARG A 114 18.39 -1.34 0.99
N LEU A 115 19.17 -0.35 0.55
CA LEU A 115 18.95 0.24 -0.78
C LEU A 115 19.12 -0.82 -1.87
N LEU A 116 20.15 -1.65 -1.78
CA LEU A 116 20.31 -2.69 -2.81
C LEU A 116 19.14 -3.69 -2.80
N ARG A 117 18.75 -4.18 -1.63
CA ARG A 117 17.65 -5.15 -1.55
C ARG A 117 16.34 -4.55 -2.03
N GLN A 118 16.06 -3.31 -1.65
CA GLN A 118 14.81 -2.67 -2.07
C GLN A 118 14.75 -2.53 -3.59
N HIS A 119 15.92 -2.45 -4.23
CA HIS A 119 16.00 -2.32 -5.68
C HIS A 119 16.21 -3.66 -6.37
N GLY A 120 16.17 -4.75 -5.60
CA GLY A 120 16.20 -6.08 -6.17
C GLY A 120 17.57 -6.70 -6.32
N PHE A 121 18.61 -6.01 -5.86
CA PHE A 121 19.96 -6.56 -5.91
C PHE A 121 20.19 -7.46 -4.70
N ASN A 122 20.48 -8.73 -4.95
CA ASN A 122 20.53 -9.73 -3.88
C ASN A 122 21.86 -9.73 -3.10
N ILE A 123 22.18 -8.59 -2.48
CA ILE A 123 23.42 -8.48 -1.71
C ILE A 123 23.41 -9.43 -0.51
N SER A 124 24.53 -10.09 -0.25
CA SER A 124 24.61 -11.06 0.83
C SER A 124 24.44 -10.40 2.20
N PRO A 125 23.72 -11.07 3.10
CA PRO A 125 23.60 -10.57 4.48
C PRO A 125 24.88 -10.76 5.29
N GLU A 126 25.88 -11.42 4.69
CA GLU A 126 27.17 -11.59 5.37
C GLU A 126 27.87 -10.24 5.60
N ILE A 127 27.38 -9.19 4.96
CA ILE A 127 27.91 -7.85 5.20
C ILE A 127 27.78 -7.48 6.69
N PHE A 128 26.82 -8.10 7.39
CA PHE A 128 26.61 -7.81 8.81
C PHE A 128 27.45 -8.66 9.79
N SER A 129 28.15 -9.67 9.27
CA SER A 129 28.89 -10.58 10.14
C SER A 129 29.92 -9.87 11.03
N LYS A 130 30.57 -8.85 10.50
CA LYS A 130 31.61 -8.12 11.24
C LYS A 130 31.02 -7.35 12.42
N PHE A 131 29.69 -7.19 12.46
CA PHE A 131 29.04 -6.45 13.54
C PHE A 131 28.46 -7.39 14.60
N GLN A 132 28.75 -8.68 14.47
CA GLN A 132 28.19 -9.69 15.36
C GLN A 132 29.28 -10.49 16.04
N ASP A 133 28.96 -11.11 17.17
CA ASP A 133 29.89 -12.01 17.86
C ASP A 133 29.81 -13.41 17.27
N GLU A 134 30.39 -14.37 17.99
CA GLU A 134 30.41 -15.78 17.56
C GLU A 134 29.00 -16.36 17.50
N ASN A 135 28.11 -15.86 18.34
CA ASN A 135 26.76 -16.38 18.45
C ASN A 135 25.81 -15.83 17.38
N GLY A 136 26.28 -14.85 16.62
CA GLY A 136 25.44 -14.25 15.60
C GLY A 136 24.59 -13.10 16.14
N LYS A 137 24.80 -12.76 17.40
CA LYS A 137 24.11 -11.64 18.02
C LYS A 137 24.90 -10.36 17.77
N PHE A 138 24.19 -9.25 17.56
CA PHE A 138 24.88 -7.99 17.29
C PHE A 138 25.72 -7.57 18.49
N LYS A 139 26.89 -7.02 18.19
CA LYS A 139 27.81 -6.56 19.23
C LYS A 139 27.18 -5.42 20.00
N GLU A 140 27.03 -5.63 21.30
CA GLU A 140 26.39 -4.64 22.13
C GLU A 140 27.20 -3.34 22.22
N SER A 141 28.49 -3.40 21.86
CA SER A 141 29.32 -2.19 21.79
C SER A 141 28.82 -1.18 20.75
N LEU A 142 27.93 -1.63 19.86
CA LEU A 142 27.35 -0.78 18.82
C LEU A 142 26.15 0.01 19.33
N ALA A 143 25.82 -0.18 20.61
CA ALA A 143 24.60 0.39 21.15
C ALA A 143 24.68 1.91 21.28
N SER A 144 25.89 2.48 21.24
CA SER A 144 26.03 3.94 21.30
C SER A 144 26.14 4.62 19.92
N ASP A 145 25.97 3.86 18.85
CA ASP A 145 26.02 4.40 17.48
C ASP A 145 24.62 4.60 16.95
N VAL A 146 24.02 5.75 17.23
CA VAL A 146 22.60 5.96 16.91
C VAL A 146 22.30 5.90 15.40
N LEU A 147 23.16 6.51 14.57
CA LEU A 147 22.89 6.47 13.12
C LEU A 147 23.03 5.04 12.56
N GLY A 148 23.97 4.28 13.10
CA GLY A 148 24.08 2.88 12.72
C GLY A 148 22.84 2.11 13.12
N LEU A 149 22.39 2.31 14.35
CA LEU A 149 21.19 1.62 14.84
C LEU A 149 19.97 1.96 14.01
N LEU A 150 19.84 3.23 13.63
CA LEU A 150 18.67 3.64 12.85
C LEU A 150 18.67 2.97 11.49
N ASN A 151 19.83 2.93 10.84
CA ASN A 151 19.89 2.32 9.53
C ASN A 151 19.77 0.81 9.62
N LEU A 152 20.28 0.22 10.69
CA LEU A 152 20.09 -1.22 10.92
C LEU A 152 18.62 -1.54 11.12
N TYR A 153 17.96 -0.72 11.93
CA TYR A 153 16.51 -0.82 12.13
C TYR A 153 15.76 -0.82 10.80
N GLU A 154 16.04 0.17 9.95
CA GLU A 154 15.31 0.23 8.67
C GLU A 154 15.63 -0.98 7.78
N ALA A 155 16.88 -1.42 7.81
CA ALA A 155 17.32 -2.56 7.02
C ALA A 155 16.65 -3.84 7.48
N SER A 156 16.36 -3.95 8.77
CA SER A 156 15.87 -5.21 9.31
C SER A 156 14.53 -5.60 8.70
N HIS A 157 13.83 -4.61 8.14
CA HIS A 157 12.49 -4.87 7.60
C HIS A 157 12.49 -5.39 6.15
N VAL A 158 13.66 -5.50 5.53
CA VAL A 158 13.69 -5.97 4.16
C VAL A 158 14.25 -7.40 4.05
N ARG A 159 14.21 -8.16 5.13
CA ARG A 159 14.83 -9.47 5.02
C ARG A 159 13.91 -10.49 4.33
N THR A 160 14.55 -11.51 3.79
CA THR A 160 13.89 -12.66 3.18
C THR A 160 14.07 -13.86 4.09
N HIS A 161 13.63 -15.04 3.64
CA HIS A 161 13.84 -16.24 4.44
C HIS A 161 15.31 -16.68 4.48
N ALA A 162 16.13 -16.10 3.61
CA ALA A 162 17.56 -16.47 3.58
C ALA A 162 18.42 -15.59 4.48
N ASP A 163 17.79 -14.70 5.25
CA ASP A 163 18.54 -13.72 6.03
C ASP A 163 18.39 -13.90 7.55
N ASP A 164 18.40 -15.14 8.02
CA ASP A 164 18.25 -15.36 9.46
C ASP A 164 19.43 -14.80 10.26
N ILE A 165 20.53 -14.47 9.59
CA ILE A 165 21.62 -13.78 10.25
C ILE A 165 21.17 -12.41 10.80
N LEU A 166 20.10 -11.85 10.24
CA LEU A 166 19.53 -10.61 10.73
C LEU A 166 18.39 -10.82 11.74
N GLU A 167 18.24 -12.04 12.25
CA GLU A 167 17.10 -12.37 13.10
C GLU A 167 16.98 -11.47 14.34
N ASP A 168 18.12 -10.96 14.80
CA ASP A 168 18.24 -10.18 16.02
C ASP A 168 18.22 -8.67 15.76
N ALA A 169 18.25 -8.26 14.48
CA ALA A 169 18.49 -6.85 14.16
C ALA A 169 17.36 -5.92 14.62
N LEU A 170 16.10 -6.36 14.44
CA LEU A 170 14.99 -5.52 14.83
C LEU A 170 14.93 -5.31 16.34
N ALA A 171 15.06 -6.38 17.12
CA ALA A 171 15.00 -6.27 18.57
C ALA A 171 16.17 -5.46 19.12
N PHE A 172 17.37 -5.71 18.58
CA PHE A 172 18.57 -5.01 19.02
C PHE A 172 18.48 -3.51 18.72
N SER A 173 18.20 -3.16 17.48
CA SER A 173 18.15 -1.74 17.11
C SER A 173 17.03 -1.03 17.86
N THR A 174 15.87 -1.69 18.00
CA THR A 174 14.73 -1.08 18.67
C THR A 174 15.01 -0.72 20.14
N ILE A 175 15.54 -1.66 20.92
CA ILE A 175 15.72 -1.38 22.34
C ILE A 175 16.73 -0.24 22.56
N HIS A 176 17.76 -0.16 21.73
CA HIS A 176 18.76 0.87 21.97
C HIS A 176 18.34 2.21 21.33
N LEU A 177 17.57 2.20 20.25
CA LEU A 177 17.00 3.46 19.74
C LEU A 177 16.02 4.05 20.75
N GLU A 178 15.19 3.19 21.35
CA GLU A 178 14.24 3.66 22.36
C GLU A 178 14.97 4.30 23.52
N SER A 179 16.07 3.68 23.93
CA SER A 179 16.83 4.18 25.06
C SER A 179 17.49 5.52 24.73
N ALA A 180 17.96 5.65 23.50
CA ALA A 180 18.72 6.85 23.10
C ALA A 180 17.82 8.05 22.80
N ALA A 181 16.63 7.77 22.28
CA ALA A 181 15.76 8.78 21.69
C ALA A 181 15.54 10.06 22.51
N PRO A 182 15.22 9.96 23.81
CA PRO A 182 14.83 11.19 24.50
C PRO A 182 15.93 12.25 24.57
N HIS A 183 17.18 11.87 24.34
CA HIS A 183 18.29 12.82 24.52
C HIS A 183 18.91 13.25 23.21
N LEU A 184 18.31 12.85 22.09
CA LEU A 184 18.85 13.18 20.77
C LEU A 184 18.47 14.60 20.36
N LYS A 185 19.35 15.23 19.59
CA LYS A 185 19.06 16.55 19.05
C LYS A 185 17.96 16.41 17.99
N SER A 186 17.34 17.54 17.63
CA SER A 186 16.31 17.54 16.59
C SER A 186 16.91 17.99 15.26
N PRO A 187 16.42 17.46 14.14
CA PRO A 187 15.26 16.56 14.00
C PRO A 187 15.57 15.07 14.09
N LEU A 188 16.79 14.71 14.44
CA LEU A 188 17.11 13.29 14.53
C LEU A 188 16.18 12.56 15.51
N ARG A 189 15.89 13.22 16.63
CA ARG A 189 15.00 12.62 17.62
C ARG A 189 13.65 12.27 17.02
N GLU A 190 13.12 13.21 16.24
CA GLU A 190 11.82 13.04 15.62
C GLU A 190 11.88 11.98 14.52
N GLN A 191 13.01 11.90 13.84
CA GLN A 191 13.16 10.87 12.80
C GLN A 191 13.20 9.46 13.44
N VAL A 192 13.91 9.34 14.54
CA VAL A 192 14.01 8.06 15.25
C VAL A 192 12.66 7.65 15.83
N THR A 193 11.99 8.59 16.49
CA THR A 193 10.69 8.33 17.07
C THR A 193 9.68 7.92 16.00
N HIS A 194 9.71 8.61 14.85
CA HIS A 194 8.83 8.25 13.74
C HIS A 194 9.13 6.85 13.21
N ALA A 195 10.41 6.56 13.01
CA ALA A 195 10.83 5.25 12.48
C ALA A 195 10.35 4.11 13.37
N LEU A 196 10.43 4.29 14.69
CA LEU A 196 9.93 3.26 15.61
C LEU A 196 8.42 3.06 15.49
N GLU A 197 7.67 4.09 15.14
CA GLU A 197 6.23 3.94 14.89
C GLU A 197 5.95 3.35 13.53
N GLN A 198 6.74 3.77 12.53
CA GLN A 198 6.51 3.36 11.15
C GLN A 198 7.82 3.23 10.40
N CYS A 199 8.23 2.00 10.09
CA CYS A 199 9.47 1.85 9.32
C CYS A 199 9.24 2.33 7.89
N LEU A 200 10.34 2.69 7.22
CA LEU A 200 10.24 3.25 5.88
C LEU A 200 9.76 2.23 4.85
N HIS A 201 10.31 1.01 4.91
CA HIS A 201 10.02 0.02 3.88
C HIS A 201 8.55 -0.38 3.84
N LYS A 202 7.87 -0.30 4.98
CA LYS A 202 6.47 -0.77 5.03
C LYS A 202 5.47 0.40 5.04
N GLY A 203 5.98 1.61 4.87
CA GLY A 203 5.10 2.78 4.86
C GLY A 203 4.59 3.10 3.47
N VAL A 204 3.54 3.91 3.40
CA VAL A 204 3.03 4.40 2.12
C VAL A 204 3.96 5.52 1.64
N PRO A 205 4.47 5.42 0.41
CA PRO A 205 5.55 6.31 -0.04
C PRO A 205 5.20 7.81 0.10
N ARG A 206 4.04 8.26 -0.37
CA ARG A 206 3.70 9.69 -0.26
C ARG A 206 3.59 10.14 1.18
N VAL A 207 3.07 9.27 2.04
CA VAL A 207 2.94 9.55 3.46
C VAL A 207 4.32 9.76 4.09
N GLU A 208 5.24 8.83 3.82
CA GLU A 208 6.58 8.97 4.40
C GLU A 208 7.33 10.15 3.81
N THR A 209 7.14 10.39 2.51
CA THR A 209 7.73 11.55 1.86
C THR A 209 7.25 12.87 2.49
N ARG A 210 5.95 12.99 2.73
CA ARG A 210 5.42 14.22 3.30
C ARG A 210 6.02 14.48 4.67
N PHE A 211 6.12 13.43 5.48
CA PHE A 211 6.73 13.53 6.80
C PHE A 211 8.19 13.92 6.67
N PHE A 212 8.92 13.25 5.78
CA PHE A 212 10.36 13.50 5.69
C PHE A 212 10.66 14.95 5.28
N ILE A 213 9.97 15.41 4.24
CA ILE A 213 10.21 16.77 3.75
C ILE A 213 9.95 17.78 4.84
N SER A 214 8.76 17.72 5.45
CA SER A 214 8.31 18.80 6.33
C SER A 214 8.85 18.74 7.75
N SER A 215 8.95 17.54 8.31
CA SER A 215 9.31 17.38 9.71
C SER A 215 10.80 17.11 9.92
N ILE A 216 11.46 16.55 8.92
CA ILE A 216 12.88 16.20 9.07
C ILE A 216 13.79 17.06 8.21
N TYR A 217 13.74 16.89 6.89
CA TYR A 217 14.74 17.52 6.02
C TYR A 217 14.66 19.04 6.08
N ASP A 218 13.45 19.58 6.12
CA ASP A 218 13.29 21.03 6.26
C ASP A 218 13.97 21.57 7.52
N LYS A 219 14.15 20.70 8.52
CA LYS A 219 14.70 21.12 9.80
C LYS A 219 16.16 20.71 10.02
N GLU A 220 16.76 20.01 9.04
CA GLU A 220 18.16 19.62 9.13
C GLU A 220 19.09 20.80 8.90
N GLN A 221 20.03 21.02 9.80
CA GLN A 221 20.99 22.13 9.64
C GLN A 221 21.82 21.95 8.37
N SER A 222 22.12 20.71 8.04
CA SER A 222 22.96 20.38 6.90
C SER A 222 22.20 20.10 5.59
N LYS A 223 20.91 20.43 5.54
CA LYS A 223 20.11 20.11 4.36
C LYS A 223 20.67 20.75 3.10
N ASN A 224 20.53 20.06 1.98
CA ASN A 224 20.87 20.63 0.67
C ASN A 224 19.67 21.46 0.18
N ASN A 225 19.91 22.74 -0.07
CA ASN A 225 18.82 23.67 -0.37
C ASN A 225 18.18 23.39 -1.72
N VAL A 226 18.99 22.90 -2.65
CA VAL A 226 18.50 22.56 -3.97
C VAL A 226 17.56 21.37 -3.87
N LEU A 227 17.96 20.36 -3.10
CA LEU A 227 17.12 19.18 -2.93
C LEU A 227 15.82 19.51 -2.20
N LEU A 228 15.91 20.32 -1.16
CA LEU A 228 14.72 20.65 -0.39
C LEU A 228 13.70 21.43 -1.24
N ARG A 229 14.19 22.42 -1.99
CA ARG A 229 13.28 23.22 -2.83
C ARG A 229 12.64 22.35 -3.91
N PHE A 230 13.46 21.52 -4.53
CA PHE A 230 13.00 20.56 -5.54
C PHE A 230 11.89 19.69 -4.92
N ALA A 231 12.15 19.13 -3.74
CA ALA A 231 11.18 18.21 -3.13
C ALA A 231 9.85 18.89 -2.83
N LYS A 232 9.91 20.11 -2.31
CA LYS A 232 8.70 20.85 -1.96
C LYS A 232 7.91 21.21 -3.21
N LEU A 233 8.57 21.74 -4.23
CA LEU A 233 7.85 22.14 -5.45
C LEU A 233 7.24 20.91 -6.14
N ASP A 234 8.00 19.82 -6.18
CA ASP A 234 7.51 18.61 -6.85
C ASP A 234 6.33 18.02 -6.09
N PHE A 235 6.43 17.95 -4.77
CA PHE A 235 5.33 17.45 -3.97
C PHE A 235 4.07 18.27 -4.20
N ASN A 236 4.21 19.59 -4.17
CA ASN A 236 3.05 20.45 -4.31
C ASN A 236 2.48 20.43 -5.73
N LEU A 237 3.33 20.25 -6.73
CA LEU A 237 2.85 20.19 -8.11
C LEU A 237 2.06 18.90 -8.34
N LEU A 238 2.60 17.78 -7.86
CA LEU A 238 1.89 16.51 -7.98
C LEU A 238 0.56 16.56 -7.21
N GLN A 239 0.58 17.18 -6.04
CA GLN A 239 -0.62 17.36 -5.24
C GLN A 239 -1.72 18.05 -6.04
N MET A 240 -1.37 18.99 -6.92
CA MET A 240 -2.38 19.65 -7.76
C MET A 240 -3.05 18.65 -8.69
N LEU A 241 -2.27 17.74 -9.25
CA LEU A 241 -2.82 16.72 -10.11
C LEU A 241 -3.73 15.79 -9.30
N HIS A 242 -3.29 15.40 -8.11
CA HIS A 242 -4.06 14.50 -7.28
C HIS A 242 -5.41 15.13 -6.92
N LYS A 243 -5.40 16.42 -6.62
CA LYS A 243 -6.65 17.10 -6.30
C LYS A 243 -7.57 17.18 -7.51
N GLN A 244 -7.00 17.33 -8.72
CA GLN A 244 -7.83 17.33 -9.92
C GLN A 244 -8.46 15.95 -10.10
N GLU A 245 -7.66 14.91 -9.90
CA GLU A 245 -8.18 13.54 -10.02
C GLU A 245 -9.28 13.30 -9.00
N LEU A 246 -9.04 13.69 -7.76
CA LEU A 246 -10.03 13.49 -6.70
C LEU A 246 -11.33 14.29 -6.97
N ALA A 247 -11.18 15.47 -7.57
CA ALA A 247 -12.35 16.25 -7.94
C ALA A 247 -13.15 15.51 -9.00
N GLN A 248 -12.43 15.01 -10.00
CA GLN A 248 -13.04 14.29 -11.10
C GLN A 248 -13.74 13.03 -10.59
N VAL A 249 -13.11 12.35 -9.64
CA VAL A 249 -13.67 11.15 -9.02
C VAL A 249 -14.82 11.48 -8.07
N SER A 250 -14.72 12.61 -7.37
CA SER A 250 -15.80 13.02 -6.45
C SER A 250 -17.07 13.33 -7.23
N ARG A 251 -16.92 13.93 -8.41
CA ARG A 251 -18.05 14.24 -9.29
C ARG A 251 -18.70 12.98 -9.80
N TRP A 252 -17.87 12.03 -10.24
CA TRP A 252 -18.36 10.73 -10.69
C TRP A 252 -19.20 10.04 -9.61
N TRP A 253 -18.69 10.02 -8.38
CA TRP A 253 -19.36 9.41 -7.23
C TRP A 253 -20.66 10.15 -6.90
N LYS A 254 -20.58 11.49 -6.91
CA LYS A 254 -21.75 12.32 -6.68
C LYS A 254 -22.84 12.03 -7.71
N ASP A 255 -22.45 11.85 -8.97
CA ASP A 255 -23.44 11.60 -10.02
C ASP A 255 -23.97 10.18 -9.97
N LEU A 256 -23.42 9.34 -9.09
CA LEU A 256 -23.98 8.01 -8.87
C LEU A 256 -24.94 8.03 -7.66
N ASP A 257 -24.66 8.89 -6.69
CA ASP A 257 -25.55 9.19 -5.57
C ASP A 257 -25.88 8.00 -4.66
N PHE A 258 -24.95 7.06 -4.53
CA PHE A 258 -25.15 5.92 -3.64
C PHE A 258 -25.39 6.37 -2.20
N VAL A 259 -24.86 7.54 -1.87
CA VAL A 259 -25.06 8.17 -0.56
C VAL A 259 -26.54 8.30 -0.23
N THR A 260 -27.39 8.45 -1.23
CA THR A 260 -28.81 8.51 -0.98
C THR A 260 -29.54 7.22 -1.35
N THR A 261 -29.22 6.64 -2.52
CA THR A 261 -29.98 5.49 -3.00
C THR A 261 -29.51 4.18 -2.37
N LEU A 262 -28.29 4.15 -1.84
CA LEU A 262 -27.80 2.97 -1.14
C LEU A 262 -27.21 3.37 0.22
N PRO A 263 -28.06 3.88 1.12
CA PRO A 263 -27.63 4.50 2.38
C PRO A 263 -27.06 3.51 3.41
N TYR A 264 -27.18 2.21 3.14
CA TYR A 264 -26.61 1.21 4.02
C TYR A 264 -25.10 1.09 3.87
N ALA A 265 -24.58 1.65 2.79
CA ALA A 265 -23.19 1.41 2.41
C ALA A 265 -22.24 2.49 2.92
N ARG A 266 -21.00 2.09 3.21
CA ARG A 266 -19.95 3.02 3.61
C ARG A 266 -19.67 4.03 2.50
N ASP A 267 -19.74 5.31 2.84
CA ASP A 267 -19.48 6.40 1.91
C ASP A 267 -18.03 6.87 2.05
N ARG A 268 -17.14 6.32 1.22
CA ARG A 268 -15.71 6.43 1.46
C ARG A 268 -14.87 6.67 0.21
N VAL A 269 -15.37 7.48 -0.73
CA VAL A 269 -14.65 7.60 -1.99
C VAL A 269 -13.30 8.32 -1.81
N VAL A 270 -13.22 9.20 -0.82
CA VAL A 270 -11.95 9.91 -0.56
C VAL A 270 -10.92 8.92 0.00
N GLU A 271 -11.35 8.09 0.94
CA GLU A 271 -10.50 7.05 1.49
C GLU A 271 -10.08 6.06 0.40
N CYS A 272 -11.01 5.73 -0.50
CA CYS A 272 -10.67 4.89 -1.65
C CYS A 272 -9.63 5.56 -2.53
N TYR A 273 -9.71 6.88 -2.66
CA TYR A 273 -8.72 7.59 -3.44
C TYR A 273 -7.37 7.53 -2.76
N PHE A 274 -7.34 7.68 -1.44
CA PHE A 274 -6.08 7.57 -0.71
C PHE A 274 -5.46 6.18 -0.97
N TRP A 275 -6.28 5.14 -1.05
CA TRP A 275 -5.80 3.80 -1.36
CA TRP A 275 -5.76 3.83 -1.34
C TRP A 275 -5.09 3.79 -2.71
N ALA A 276 -5.75 4.34 -3.72
CA ALA A 276 -5.21 4.35 -5.08
C ALA A 276 -3.92 5.15 -5.16
N LEU A 277 -3.87 6.25 -4.42
CA LEU A 277 -2.69 7.13 -4.35
C LEU A 277 -1.51 6.40 -3.72
N GLY A 278 -1.82 5.47 -2.81
CA GLY A 278 -0.79 4.67 -2.18
C GLY A 278 -0.22 3.63 -3.12
N VAL A 279 -1.05 3.13 -4.03
CA VAL A 279 -0.60 2.15 -5.03
C VAL A 279 0.37 2.78 -6.01
N TYR A 280 0.09 4.01 -6.44
CA TYR A 280 1.03 4.78 -7.24
C TYR A 280 0.65 6.24 -7.21
N PHE A 281 1.66 7.10 -7.04
CA PHE A 281 1.42 8.53 -6.96
C PHE A 281 1.91 9.27 -8.19
N GLU A 282 2.72 8.62 -9.02
CA GLU A 282 3.39 9.33 -10.12
C GLU A 282 2.41 9.83 -11.19
N PRO A 283 2.79 10.93 -11.90
CA PRO A 283 1.86 11.51 -12.87
C PRO A 283 1.50 10.57 -14.01
N GLN A 284 2.44 9.70 -14.42
CA GLN A 284 2.18 8.78 -15.54
C GLN A 284 1.12 7.72 -15.19
N TYR A 285 0.78 7.59 -13.90
CA TYR A 285 -0.25 6.62 -13.52
C TYR A 285 -1.58 7.31 -13.22
N SER A 286 -1.80 8.49 -13.79
CA SER A 286 -3.02 9.23 -13.53
C SER A 286 -4.26 8.45 -13.97
N GLN A 287 -4.25 7.97 -15.21
CA GLN A 287 -5.39 7.21 -15.71
C GLN A 287 -5.59 5.94 -14.88
N ALA A 288 -4.49 5.32 -14.48
CA ALA A 288 -4.55 4.07 -13.71
C ALA A 288 -5.18 4.30 -12.34
N ARG A 289 -4.78 5.39 -11.68
CA ARG A 289 -5.31 5.74 -10.36
C ARG A 289 -6.82 5.97 -10.38
N VAL A 290 -7.26 6.71 -11.38
CA VAL A 290 -8.67 7.05 -11.49
C VAL A 290 -9.50 5.78 -11.73
N MET A 291 -9.03 4.91 -12.62
CA MET A 291 -9.72 3.63 -12.84
C MET A 291 -9.74 2.82 -11.55
N LEU A 292 -8.60 2.76 -10.86
CA LEU A 292 -8.47 1.93 -9.68
C LEU A 292 -9.43 2.39 -8.58
N VAL A 293 -9.49 3.70 -8.32
CA VAL A 293 -10.32 4.19 -7.21
C VAL A 293 -11.81 3.88 -7.47
N LYS A 294 -12.24 3.94 -8.73
CA LYS A 294 -13.61 3.62 -9.07
C LYS A 294 -13.94 2.16 -8.75
N THR A 295 -12.99 1.27 -8.99
CA THR A 295 -13.20 -0.14 -8.67
C THR A 295 -13.26 -0.33 -7.16
N ILE A 296 -12.32 0.29 -6.44
CA ILE A 296 -12.29 0.16 -4.97
C ILE A 296 -13.62 0.65 -4.37
N SER A 297 -14.10 1.80 -4.85
CA SER A 297 -15.37 2.34 -4.40
C SER A 297 -16.51 1.38 -4.65
N MET A 298 -16.54 0.82 -5.84
CA MET A 298 -17.68 0.02 -6.27
C MET A 298 -17.71 -1.33 -5.54
N ILE A 299 -16.55 -1.97 -5.38
CA ILE A 299 -16.55 -3.27 -4.71
C ILE A 299 -16.86 -3.09 -3.22
N SER A 300 -16.56 -1.92 -2.69
CA SER A 300 -16.91 -1.60 -1.32
C SER A 300 -18.43 -1.58 -1.13
N ILE A 301 -19.15 -1.09 -2.14
CA ILE A 301 -20.61 -1.12 -2.12
C ILE A 301 -21.11 -2.55 -2.05
N VAL A 302 -20.49 -3.41 -2.86
CA VAL A 302 -20.88 -4.81 -2.92
C VAL A 302 -20.62 -5.49 -1.57
N ASP A 303 -19.46 -5.24 -0.99
CA ASP A 303 -19.09 -5.77 0.33
C ASP A 303 -20.18 -5.45 1.36
N ASP A 304 -20.57 -4.18 1.44
CA ASP A 304 -21.58 -3.76 2.41
C ASP A 304 -22.95 -4.34 2.09
N THR A 305 -23.20 -4.62 0.82
CA THR A 305 -24.46 -5.25 0.42
C THR A 305 -24.55 -6.67 0.97
N PHE A 306 -23.43 -7.40 0.90
CA PHE A 306 -23.40 -8.75 1.45
C PHE A 306 -23.37 -8.75 2.97
N ASP A 307 -22.66 -7.78 3.54
CA ASP A 307 -22.37 -7.81 4.96
C ASP A 307 -23.49 -7.24 5.82
N ALA A 308 -24.20 -6.25 5.31
CA ALA A 308 -25.06 -5.44 6.18
C ALA A 308 -26.40 -5.03 5.58
N TYR A 309 -26.90 -5.76 4.59
CA TYR A 309 -28.21 -5.41 4.04
C TYR A 309 -28.95 -6.56 3.38
N GLY A 310 -28.34 -7.16 2.35
CA GLY A 310 -29.00 -8.17 1.54
C GLY A 310 -29.42 -9.43 2.28
N THR A 311 -30.59 -9.97 1.92
CA THR A 311 -31.04 -11.24 2.45
C THR A 311 -30.34 -12.38 1.73
N VAL A 312 -30.45 -13.59 2.29
CA VAL A 312 -29.85 -14.79 1.71
C VAL A 312 -30.26 -14.94 0.26
N LYS A 313 -31.56 -14.85 0.02
CA LYS A 313 -32.13 -15.06 -1.30
C LYS A 313 -31.65 -13.98 -2.28
N GLU A 314 -31.68 -12.72 -1.87
CA GLU A 314 -31.14 -11.61 -2.68
C GLU A 314 -29.66 -11.80 -3.04
N LEU A 315 -28.86 -12.19 -2.06
CA LEU A 315 -27.42 -12.32 -2.30
C LEU A 315 -27.15 -13.45 -3.29
N GLU A 316 -27.95 -14.51 -3.24
CA GLU A 316 -27.85 -15.59 -4.22
C GLU A 316 -28.09 -15.07 -5.64
N ALA A 317 -29.19 -14.33 -5.81
CA ALA A 317 -29.52 -13.76 -7.12
C ALA A 317 -28.45 -12.79 -7.60
N TYR A 318 -27.99 -11.94 -6.69
CA TYR A 318 -26.93 -11.00 -7.00
C TYR A 318 -25.67 -11.72 -7.46
N THR A 319 -25.28 -12.77 -6.72
CA THR A 319 -24.08 -13.53 -7.05
C THR A 319 -24.20 -14.18 -8.42
N ASP A 320 -25.34 -14.81 -8.70
CA ASP A 320 -25.53 -15.44 -10.00
C ASP A 320 -25.54 -14.42 -11.15
N ALA A 321 -26.18 -13.28 -10.92
CA ALA A 321 -26.21 -12.22 -11.93
C ALA A 321 -24.79 -11.76 -12.27
N ILE A 322 -23.96 -11.62 -11.25
CA ILE A 322 -22.57 -11.21 -11.46
C ILE A 322 -21.83 -12.26 -12.28
N GLN A 323 -22.06 -13.54 -12.01
CA GLN A 323 -21.40 -14.57 -12.80
C GLN A 323 -21.81 -14.51 -14.28
N ARG A 324 -23.08 -14.22 -14.55
CA ARG A 324 -23.57 -14.17 -15.93
C ARG A 324 -23.22 -12.86 -16.64
N TRP A 325 -23.11 -11.79 -15.87
CA TRP A 325 -22.58 -10.52 -16.35
C TRP A 325 -23.31 -10.06 -17.61
N ASP A 326 -24.57 -9.71 -17.43
CA ASP A 326 -25.47 -9.49 -18.55
C ASP A 326 -26.58 -8.59 -18.06
N ILE A 327 -26.78 -7.48 -18.74
CA ILE A 327 -27.78 -6.51 -18.32
C ILE A 327 -29.18 -7.14 -18.28
N ASN A 328 -29.37 -8.22 -19.03
CA ASN A 328 -30.65 -8.94 -19.05
C ASN A 328 -31.04 -9.44 -17.67
N GLU A 329 -30.05 -9.59 -16.79
CA GLU A 329 -30.26 -10.24 -15.51
C GLU A 329 -30.78 -9.28 -14.44
N ILE A 330 -30.85 -7.98 -14.73
CA ILE A 330 -31.24 -6.99 -13.73
C ILE A 330 -32.63 -7.25 -13.14
N ASP A 331 -33.52 -7.82 -13.95
CA ASP A 331 -34.91 -8.00 -13.55
C ASP A 331 -35.05 -9.06 -12.47
N ARG A 332 -34.04 -9.89 -12.33
CA ARG A 332 -34.03 -10.92 -11.29
C ARG A 332 -33.72 -10.31 -9.93
N LEU A 333 -33.27 -9.06 -9.94
CA LEU A 333 -32.79 -8.39 -8.74
C LEU A 333 -33.81 -7.40 -8.18
N PRO A 334 -33.80 -7.21 -6.85
CA PRO A 334 -34.57 -6.11 -6.25
C PRO A 334 -34.08 -4.78 -6.78
N ASP A 335 -34.90 -3.75 -6.69
CA ASP A 335 -34.57 -2.46 -7.29
C ASP A 335 -33.22 -1.95 -6.79
N TYR A 336 -33.00 -2.01 -5.49
CA TYR A 336 -31.78 -1.44 -4.91
C TYR A 336 -30.54 -2.18 -5.40
N MET A 337 -30.70 -3.45 -5.77
CA MET A 337 -29.58 -4.21 -6.32
C MET A 337 -29.39 -3.90 -7.80
N LYS A 338 -30.48 -3.55 -8.49
CA LYS A 338 -30.39 -3.09 -9.88
C LYS A 338 -29.48 -1.86 -9.98
N ILE A 339 -29.50 -1.03 -8.94
CA ILE A 339 -28.73 0.20 -8.96
C ILE A 339 -27.23 -0.12 -9.03
N SER A 340 -26.75 -0.98 -8.14
CA SER A 340 -25.32 -1.25 -8.12
C SER A 340 -24.91 -2.15 -9.28
N TYR A 341 -25.80 -3.06 -9.68
CA TYR A 341 -25.49 -3.98 -10.77
C TYR A 341 -25.30 -3.25 -12.10
N LYS A 342 -26.17 -2.30 -12.41
CA LYS A 342 -26.01 -1.54 -13.64
C LYS A 342 -24.76 -0.66 -13.61
N ALA A 343 -24.50 -0.04 -12.46
CA ALA A 343 -23.32 0.80 -12.29
C ALA A 343 -22.04 0.00 -12.53
N ILE A 344 -22.04 -1.25 -12.09
CA ILE A 344 -20.88 -2.12 -12.27
C ILE A 344 -20.66 -2.45 -13.75
N LEU A 345 -21.71 -2.92 -14.42
CA LEU A 345 -21.59 -3.20 -15.84
C LEU A 345 -21.17 -1.96 -16.64
N ASP A 346 -21.76 -0.82 -16.30
CA ASP A 346 -21.44 0.42 -16.99
C ASP A 346 -19.98 0.82 -16.76
N LEU A 347 -19.51 0.63 -15.54
CA LEU A 347 -18.14 1.02 -15.21
C LEU A 347 -17.15 0.27 -16.08
N TYR A 348 -17.39 -1.01 -16.28
CA TYR A 348 -16.48 -1.80 -17.09
C TYR A 348 -16.61 -1.46 -18.58
N LYS A 349 -17.80 -1.03 -19.00
CA LYS A 349 -17.94 -0.51 -20.36
C LYS A 349 -17.18 0.81 -20.49
N ASP A 350 -17.23 1.64 -19.45
CA ASP A 350 -16.42 2.86 -19.40
C ASP A 350 -14.94 2.53 -19.55
N TYR A 351 -14.47 1.51 -18.84
CA TYR A 351 -13.08 1.11 -18.91
C TYR A 351 -12.71 0.74 -20.34
N GLU A 352 -13.56 -0.07 -20.97
CA GLU A 352 -13.31 -0.52 -22.34
C GLU A 352 -13.14 0.65 -23.30
N LYS A 353 -14.03 1.64 -23.19
CA LYS A 353 -13.97 2.78 -24.10
C LYS A 353 -12.73 3.62 -23.82
N GLU A 354 -12.42 3.75 -22.53
CA GLU A 354 -11.29 4.54 -22.06
C GLU A 354 -9.97 3.97 -22.57
N LEU A 355 -9.92 2.65 -22.77
CA LEU A 355 -8.72 1.95 -23.22
C LEU A 355 -8.75 1.65 -24.73
N SER A 356 -9.83 2.04 -25.38
CA SER A 356 -10.06 1.67 -26.78
C SER A 356 -9.03 2.23 -27.76
N SER A 357 -8.70 3.52 -27.63
CA SER A 357 -7.77 4.16 -28.56
C SER A 357 -6.36 3.59 -28.43
N ALA A 358 -6.04 3.08 -27.24
CA ALA A 358 -4.73 2.47 -26.99
C ALA A 358 -4.73 1.01 -27.43
N GLY A 359 -5.88 0.53 -27.89
CA GLY A 359 -6.02 -0.84 -28.34
C GLY A 359 -5.90 -1.87 -27.23
N ARG A 360 -6.22 -1.46 -26.01
CA ARG A 360 -6.07 -2.32 -24.85
C ARG A 360 -7.39 -2.71 -24.19
N SER A 361 -8.50 -2.58 -24.90
CA SER A 361 -9.83 -2.81 -24.33
C SER A 361 -9.99 -4.23 -23.81
N HIS A 362 -9.38 -5.18 -24.52
CA HIS A 362 -9.54 -6.59 -24.22
C HIS A 362 -9.05 -7.00 -22.83
N ILE A 363 -8.18 -6.20 -22.22
CA ILE A 363 -7.60 -6.62 -20.95
C ILE A 363 -8.57 -6.46 -19.79
N VAL A 364 -9.68 -5.78 -20.04
CA VAL A 364 -10.65 -5.54 -18.98
C VAL A 364 -11.23 -6.87 -18.44
N CYS A 365 -11.36 -7.87 -19.31
CA CYS A 365 -11.87 -9.18 -18.89
C CYS A 365 -11.10 -9.81 -17.72
N HIS A 366 -9.82 -9.48 -17.57
CA HIS A 366 -9.05 -10.01 -16.46
C HIS A 366 -9.56 -9.51 -15.11
N ALA A 367 -9.88 -8.23 -15.03
CA ALA A 367 -10.39 -7.66 -13.80
C ALA A 367 -11.81 -8.18 -13.53
N ILE A 368 -12.60 -8.29 -14.60
CA ILE A 368 -13.98 -8.77 -14.46
C ILE A 368 -14.00 -10.19 -13.86
N GLU A 369 -13.14 -11.06 -14.36
CA GLU A 369 -13.08 -12.42 -13.82
C GLU A 369 -12.67 -12.42 -12.35
N ARG A 370 -11.80 -11.50 -11.95
CA ARG A 370 -11.41 -11.41 -10.55
C ARG A 370 -12.57 -10.87 -9.72
N MET A 371 -13.37 -9.98 -10.29
CA MET A 371 -14.52 -9.46 -9.55
C MET A 371 -15.54 -10.57 -9.27
N LYS A 372 -15.81 -11.38 -10.30
CA LYS A 372 -16.71 -12.53 -10.13
C LYS A 372 -16.24 -13.43 -9.00
N GLU A 373 -14.92 -13.64 -8.92
CA GLU A 373 -14.33 -14.46 -7.88
C GLU A 373 -14.58 -13.88 -6.50
N VAL A 374 -14.37 -12.57 -6.34
CA VAL A 374 -14.65 -11.91 -5.08
C VAL A 374 -16.11 -12.13 -4.68
N VAL A 375 -17.03 -11.94 -5.62
CA VAL A 375 -18.45 -12.04 -5.30
C VAL A 375 -18.88 -13.48 -4.98
N ARG A 376 -18.35 -14.46 -5.69
CA ARG A 376 -18.61 -15.86 -5.33
C ARG A 376 -18.21 -16.11 -3.88
N ASN A 377 -17.06 -15.56 -3.48
CA ASN A 377 -16.55 -15.86 -2.16
C ASN A 377 -17.24 -15.04 -1.08
N TYR A 378 -17.67 -13.81 -1.42
CA TYR A 378 -18.59 -13.08 -0.57
C TYR A 378 -19.83 -13.93 -0.23
N ASN A 379 -20.38 -14.59 -1.24
CA ASN A 379 -21.60 -15.36 -1.06
C ASN A 379 -21.35 -16.59 -0.20
N VAL A 380 -20.17 -17.19 -0.37
CA VAL A 380 -19.78 -18.32 0.47
C VAL A 380 -19.71 -17.87 1.92
N GLU A 381 -19.08 -16.71 2.14
CA GLU A 381 -18.95 -16.14 3.48
C GLU A 381 -20.32 -15.92 4.11
N SER A 382 -21.28 -15.45 3.30
CA SER A 382 -22.64 -15.25 3.78
C SER A 382 -23.28 -16.57 4.17
N THR A 383 -23.11 -17.58 3.33
CA THR A 383 -23.66 -18.90 3.61
C THR A 383 -23.13 -19.44 4.93
N TRP A 384 -21.82 -19.34 5.12
CA TRP A 384 -21.20 -19.81 6.36
C TRP A 384 -21.80 -19.11 7.57
N PHE A 385 -22.01 -17.81 7.45
CA PHE A 385 -22.58 -17.01 8.52
C PHE A 385 -23.98 -17.48 8.88
N ILE A 386 -24.83 -17.65 7.89
CA ILE A 386 -26.20 -18.09 8.11
C ILE A 386 -26.25 -19.49 8.71
N GLU A 387 -25.39 -20.37 8.21
CA GLU A 387 -25.40 -21.77 8.64
C GLU A 387 -24.72 -21.94 9.99
N GLY A 388 -23.98 -20.92 10.42
CA GLY A 388 -23.23 -21.00 11.66
C GLY A 388 -22.04 -21.93 11.55
N TYR A 389 -21.41 -21.93 10.38
CA TYR A 389 -20.32 -22.85 10.08
C TYR A 389 -18.96 -22.28 10.50
N THR A 390 -18.16 -23.06 11.21
CA THR A 390 -16.78 -22.64 11.49
C THR A 390 -15.80 -23.59 10.82
N PRO A 391 -15.31 -23.23 9.62
CA PRO A 391 -14.40 -24.07 8.86
C PRO A 391 -13.02 -24.18 9.49
N PRO A 392 -12.27 -25.25 9.17
CA PRO A 392 -10.85 -25.29 9.50
C PRO A 392 -10.10 -24.18 8.79
N VAL A 393 -8.89 -23.85 9.26
CA VAL A 393 -8.19 -22.68 8.73
C VAL A 393 -7.94 -22.79 7.22
N SER A 394 -7.58 -23.99 6.76
CA SER A 394 -7.28 -24.17 5.34
C SER A 394 -8.49 -23.83 4.49
N GLU A 395 -9.66 -24.32 4.89
CA GLU A 395 -10.89 -24.01 4.17
C GLU A 395 -11.25 -22.52 4.29
N TYR A 396 -11.10 -21.96 5.49
CA TYR A 396 -11.34 -20.54 5.70
C TYR A 396 -10.54 -19.70 4.71
N LEU A 397 -9.23 -19.96 4.65
CA LEU A 397 -8.36 -19.16 3.80
C LEU A 397 -8.67 -19.38 2.32
N SER A 398 -9.05 -20.60 1.93
CA SER A 398 -9.35 -20.86 0.53
C SER A 398 -10.48 -19.93 0.05
N ASN A 399 -11.36 -19.52 0.96
CA ASN A 399 -12.40 -18.56 0.60
C ASN A 399 -12.03 -17.12 0.91
N ALA A 400 -11.48 -16.90 2.10
CA ALA A 400 -11.34 -15.56 2.65
C ALA A 400 -10.15 -14.79 2.05
N LEU A 401 -9.22 -15.48 1.39
CA LEU A 401 -8.12 -14.73 0.78
C LEU A 401 -8.67 -13.82 -0.32
N ALA A 402 -9.54 -14.34 -1.19
CA ALA A 402 -10.06 -13.50 -2.27
C ALA A 402 -10.97 -12.40 -1.74
N THR A 403 -11.63 -12.61 -0.61
CA THR A 403 -12.56 -11.60 -0.12
C THR A 403 -11.83 -10.37 0.44
N THR A 404 -10.50 -10.42 0.51
CA THR A 404 -9.73 -9.18 0.79
C THR A 404 -9.89 -8.18 -0.34
N THR A 405 -10.29 -8.70 -1.49
CA THR A 405 -10.34 -8.03 -2.80
C THR A 405 -8.95 -7.80 -3.39
N TYR A 406 -7.89 -8.27 -2.73
CA TYR A 406 -6.54 -7.88 -3.17
C TYR A 406 -6.08 -8.53 -4.49
N TYR A 407 -6.52 -9.76 -4.82
CA TYR A 407 -6.22 -10.28 -6.16
C TYR A 407 -6.85 -9.36 -7.21
N TYR A 408 -8.07 -8.96 -6.90
CA TYR A 408 -8.88 -8.12 -7.74
C TYR A 408 -8.27 -6.70 -7.89
N LEU A 409 -7.87 -6.09 -6.79
CA LEU A 409 -7.30 -4.75 -6.84
C LEU A 409 -5.95 -4.75 -7.56
N ALA A 410 -5.14 -5.79 -7.35
CA ALA A 410 -3.85 -5.83 -8.04
C ALA A 410 -4.07 -5.92 -9.55
N THR A 411 -5.02 -6.75 -9.95
CA THR A 411 -5.35 -6.89 -11.36
C THR A 411 -5.87 -5.57 -11.93
N THR A 412 -6.73 -4.92 -11.15
CA THR A 412 -7.27 -3.62 -11.54
C THR A 412 -6.17 -2.58 -11.70
N SER A 413 -5.14 -2.66 -10.84
CA SER A 413 -4.10 -1.64 -10.85
C SER A 413 -3.36 -1.64 -12.19
N TYR A 414 -3.39 -2.76 -12.91
CA TYR A 414 -2.67 -2.87 -14.19
C TYR A 414 -3.44 -2.25 -15.37
N LEU A 415 -4.76 -2.11 -15.23
CA LEU A 415 -5.59 -1.69 -16.36
C LEU A 415 -5.10 -0.39 -16.98
N GLY A 416 -4.79 0.59 -16.16
CA GLY A 416 -4.45 1.90 -16.65
C GLY A 416 -2.97 2.07 -16.91
N MET A 417 -2.19 1.02 -16.63
CA MET A 417 -0.76 1.09 -16.85
C MET A 417 -0.46 0.78 -18.31
N LYS A 418 0.01 1.79 -19.02
CA LYS A 418 0.15 1.73 -20.47
C LYS A 418 1.07 0.61 -20.94
N SER A 419 2.02 0.20 -20.10
CA SER A 419 3.01 -0.79 -20.52
C SER A 419 2.64 -2.23 -20.15
N ALA A 420 1.50 -2.41 -19.47
CA ALA A 420 1.07 -3.75 -19.07
C ALA A 420 0.67 -4.59 -20.28
N THR A 421 1.18 -5.81 -20.36
CA THR A 421 0.91 -6.68 -21.49
C THR A 421 0.09 -7.89 -21.05
N GLU A 422 -0.33 -8.68 -22.03
CA GLU A 422 -1.10 -9.88 -21.76
C GLU A 422 -0.30 -10.85 -20.90
N GLN A 423 1.01 -10.89 -21.13
CA GLN A 423 1.89 -11.76 -20.37
C GLN A 423 1.94 -11.36 -18.90
N ASP A 424 1.85 -10.05 -18.63
CA ASP A 424 1.84 -9.57 -17.26
C ASP A 424 0.56 -10.01 -16.57
N PHE A 425 -0.58 -9.91 -17.26
CA PHE A 425 -1.85 -10.37 -16.70
C PHE A 425 -1.86 -11.88 -16.51
N GLU A 426 -1.22 -12.59 -17.44
CA GLU A 426 -1.14 -14.04 -17.37
C GLU A 426 -0.35 -14.47 -16.13
N TRP A 427 0.76 -13.79 -15.87
CA TRP A 427 1.56 -14.06 -14.67
C TRP A 427 0.72 -13.83 -13.41
N LEU A 428 -0.02 -12.73 -13.39
CA LEU A 428 -0.81 -12.35 -12.22
C LEU A 428 -1.94 -13.34 -11.98
N SER A 429 -2.48 -13.87 -13.07
CA SER A 429 -3.62 -14.78 -13.00
C SER A 429 -3.27 -16.11 -12.32
N LYS A 430 -1.98 -16.42 -12.24
CA LYS A 430 -1.56 -17.70 -11.66
C LYS A 430 -1.32 -17.58 -10.16
N ASN A 431 -1.72 -16.45 -9.58
CA ASN A 431 -1.54 -16.20 -8.16
C ASN A 431 -0.09 -16.35 -7.74
N PRO A 432 0.79 -15.49 -8.29
CA PRO A 432 2.22 -15.62 -7.99
C PRO A 432 2.48 -15.36 -6.51
N LYS A 433 3.59 -15.88 -6.01
CA LYS A 433 3.92 -15.80 -4.60
C LYS A 433 3.83 -14.40 -3.99
N ILE A 434 4.38 -13.40 -4.68
CA ILE A 434 4.39 -12.04 -4.14
C ILE A 434 2.96 -11.49 -3.97
N LEU A 435 2.07 -11.84 -4.89
CA LEU A 435 0.68 -11.43 -4.78
C LEU A 435 -0.01 -12.16 -3.62
N GLU A 436 0.21 -13.47 -3.54
CA GLU A 436 -0.38 -14.27 -2.49
C GLU A 436 0.03 -13.71 -1.12
N ALA A 437 1.29 -13.28 -1.03
CA ALA A 437 1.81 -12.73 0.22
C ALA A 437 1.09 -11.44 0.61
N SER A 438 0.91 -10.56 -0.36
CA SER A 438 0.21 -9.29 -0.11
C SER A 438 -1.24 -9.55 0.35
N VAL A 439 -1.88 -10.51 -0.30
CA VAL A 439 -3.24 -10.91 0.06
C VAL A 439 -3.31 -11.44 1.48
N ILE A 440 -2.39 -12.33 1.83
CA ILE A 440 -2.31 -12.88 3.18
C ILE A 440 -2.12 -11.80 4.25
N ILE A 441 -1.22 -10.86 3.97
CA ILE A 441 -1.02 -9.76 4.89
C ILE A 441 -2.34 -9.02 5.13
N CYS A 442 -3.06 -8.72 4.06
CA CYS A 442 -4.33 -8.00 4.21
C CYS A 442 -5.30 -8.84 5.04
N ARG A 443 -5.36 -10.13 4.73
CA ARG A 443 -6.29 -11.03 5.42
C ARG A 443 -6.00 -11.12 6.91
N VAL A 444 -4.75 -11.39 7.29
CA VAL A 444 -4.49 -11.68 8.70
C VAL A 444 -4.47 -10.41 9.55
N ILE A 445 -4.07 -9.28 8.98
CA ILE A 445 -4.07 -8.03 9.72
C ILE A 445 -5.49 -7.54 9.94
N ASP A 446 -6.32 -7.62 8.90
CA ASP A 446 -7.73 -7.27 9.06
C ASP A 446 -8.43 -8.17 10.08
N ASP A 447 -8.15 -9.47 10.02
CA ASP A 447 -8.80 -10.42 10.92
C ASP A 447 -8.40 -10.17 12.37
N THR A 448 -7.16 -9.74 12.58
CA THR A 448 -6.68 -9.43 13.91
C THR A 448 -7.35 -8.17 14.45
N ALA A 449 -7.54 -7.19 13.57
CA ALA A 449 -8.10 -5.90 13.97
C ALA A 449 -9.60 -5.97 14.17
N THR A 450 -10.28 -6.80 13.38
CA THR A 450 -11.73 -6.81 13.40
C THR A 450 -12.33 -8.01 14.13
N TYR A 451 -11.48 -8.84 14.73
CA TYR A 451 -11.98 -10.06 15.40
C TYR A 451 -13.08 -9.77 16.43
N GLU A 452 -12.81 -8.85 17.34
CA GLU A 452 -13.73 -8.59 18.45
C GLU A 452 -15.11 -8.10 18.00
N VAL A 453 -15.13 -7.10 17.13
CA VAL A 453 -16.40 -6.53 16.67
C VAL A 453 -17.20 -7.54 15.83
N GLU A 454 -16.53 -8.29 14.96
CA GLU A 454 -17.22 -9.29 14.16
C GLU A 454 -17.74 -10.42 15.05
N LYS A 455 -17.00 -10.74 16.11
CA LYS A 455 -17.46 -11.70 17.10
C LYS A 455 -18.76 -11.24 17.74
N SER A 456 -18.84 -9.95 18.02
CA SER A 456 -20.02 -9.33 18.63
C SER A 456 -21.21 -9.33 17.70
N ARG A 457 -20.95 -9.33 16.40
CA ARG A 457 -22.01 -9.28 15.41
C ARG A 457 -22.44 -10.69 14.98
N GLY A 458 -21.92 -11.70 15.68
CA GLY A 458 -22.33 -13.08 15.46
C GLY A 458 -21.51 -13.87 14.46
N GLN A 459 -20.45 -13.25 13.92
CA GLN A 459 -19.62 -13.89 12.92
C GLN A 459 -18.77 -15.01 13.54
N ILE A 460 -19.26 -16.24 13.41
CA ILE A 460 -18.57 -17.40 13.96
C ILE A 460 -17.49 -17.92 13.03
N ALA A 461 -17.45 -17.41 11.80
CA ALA A 461 -16.44 -17.83 10.84
C ALA A 461 -15.34 -16.78 10.66
N THR A 462 -15.07 -16.00 11.69
CA THR A 462 -13.96 -15.03 11.62
C THR A 462 -12.65 -15.79 11.63
N GLY A 463 -11.64 -15.23 10.98
CA GLY A 463 -10.34 -15.86 10.88
C GLY A 463 -9.80 -16.35 12.21
N ILE A 464 -9.76 -15.48 13.20
CA ILE A 464 -9.21 -15.83 14.51
C ILE A 464 -10.00 -16.97 15.13
N GLU A 465 -11.33 -16.90 14.99
CA GLU A 465 -12.20 -17.95 15.52
C GLU A 465 -11.91 -19.31 14.87
N CYS A 466 -11.76 -19.32 13.55
CA CYS A 466 -11.46 -20.56 12.84
C CYS A 466 -10.13 -21.11 13.32
N CYS A 467 -9.19 -20.21 13.58
CA CYS A 467 -7.86 -20.58 14.03
C CYS A 467 -7.90 -21.18 15.42
N MET A 468 -8.63 -20.54 16.32
CA MET A 468 -8.81 -21.05 17.68
C MET A 468 -9.39 -22.45 17.68
N ARG A 469 -10.49 -22.65 16.97
CA ARG A 469 -11.20 -23.93 16.97
C ARG A 469 -10.36 -25.03 16.32
N ASP A 470 -9.70 -24.68 15.21
CA ASP A 470 -8.91 -25.64 14.44
C ASP A 470 -7.71 -26.16 15.24
N TYR A 471 -6.87 -25.26 15.74
CA TYR A 471 -5.66 -25.64 16.46
C TYR A 471 -5.88 -25.86 17.96
N GLY A 472 -7.05 -25.46 18.46
CA GLY A 472 -7.37 -25.62 19.87
C GLY A 472 -6.53 -24.72 20.77
N ILE A 473 -6.43 -23.44 20.39
CA ILE A 473 -5.56 -22.50 21.09
C ILE A 473 -6.30 -21.22 21.50
N SER A 474 -5.71 -20.46 22.41
CA SER A 474 -6.34 -19.23 22.92
C SER A 474 -6.41 -18.15 21.85
N THR A 475 -7.22 -17.13 22.11
CA THR A 475 -7.29 -15.98 21.22
C THR A 475 -5.91 -15.37 21.05
N LYS A 476 -5.21 -15.23 22.16
CA LYS A 476 -3.86 -14.68 22.20
C LYS A 476 -2.92 -15.47 21.29
N GLU A 477 -2.95 -16.80 21.40
CA GLU A 477 -2.10 -17.66 20.60
C GLU A 477 -2.46 -17.60 19.12
N ALA A 478 -3.75 -17.46 18.82
CA ALA A 478 -4.20 -17.38 17.45
C ALA A 478 -3.77 -16.05 16.82
N MET A 479 -3.87 -14.97 17.59
CA MET A 479 -3.38 -13.67 17.16
C MET A 479 -1.90 -13.76 16.81
N ALA A 480 -1.15 -14.50 17.63
CA ALA A 480 0.29 -14.61 17.42
C ALA A 480 0.59 -15.41 16.15
N LYS A 481 -0.17 -16.46 15.90
CA LYS A 481 0.03 -17.25 14.70
C LYS A 481 -0.24 -16.40 13.45
N PHE A 482 -1.28 -15.58 13.52
CA PHE A 482 -1.62 -14.72 12.39
C PHE A 482 -0.50 -13.68 12.19
N GLN A 483 0.05 -13.17 13.27
CA GLN A 483 1.19 -12.25 13.17
C GLN A 483 2.38 -12.93 12.46
N ASN A 484 2.65 -14.19 12.81
CA ASN A 484 3.70 -14.95 12.15
C ASN A 484 3.45 -15.11 10.65
N MET A 485 2.19 -15.33 10.29
CA MET A 485 1.84 -15.47 8.88
C MET A 485 2.14 -14.17 8.12
N ALA A 486 1.87 -13.04 8.77
CA ALA A 486 2.19 -11.75 8.18
C ALA A 486 3.69 -11.58 8.02
N GLU A 487 4.47 -12.03 9.00
CA GLU A 487 5.93 -11.87 8.94
C GLU A 487 6.49 -12.73 7.82
N THR A 488 5.99 -13.96 7.72
CA THR A 488 6.36 -14.86 6.62
C THR A 488 6.04 -14.24 5.27
N ALA A 489 4.85 -13.66 5.15
CA ALA A 489 4.44 -13.03 3.90
C ALA A 489 5.33 -11.82 3.53
N TRP A 490 5.70 -11.01 4.50
CA TRP A 490 6.60 -9.88 4.20
C TRP A 490 7.94 -10.41 3.69
N LYS A 491 8.43 -11.50 4.27
CA LYS A 491 9.69 -12.07 3.76
C LYS A 491 9.50 -12.55 2.33
N ASP A 492 8.33 -13.11 2.03
CA ASP A 492 8.02 -13.55 0.66
C ASP A 492 7.92 -12.38 -0.31
N ILE A 493 7.32 -11.28 0.13
CA ILE A 493 7.30 -10.08 -0.70
C ILE A 493 8.72 -9.60 -1.02
N ASN A 494 9.55 -9.49 0.01
CA ASN A 494 10.92 -9.00 -0.18
C ASN A 494 11.70 -9.89 -1.12
N GLU A 495 11.51 -11.20 -0.98
CA GLU A 495 12.16 -12.13 -1.89
C GLU A 495 11.60 -11.98 -3.31
N GLY A 496 10.31 -11.67 -3.42
CA GLY A 496 9.67 -11.52 -4.71
C GLY A 496 10.17 -10.33 -5.51
N LEU A 497 10.84 -9.40 -4.83
CA LEU A 497 11.40 -8.22 -5.50
C LEU A 497 12.80 -8.46 -6.07
N LEU A 498 13.41 -9.60 -5.72
CA LEU A 498 14.80 -9.86 -6.10
C LEU A 498 14.98 -10.25 -7.58
N ARG A 499 16.01 -9.70 -8.21
CA ARG A 499 16.34 -10.06 -9.58
C ARG A 499 16.85 -11.49 -9.69
N PRO A 500 16.59 -12.16 -10.83
CA PRO A 500 15.76 -11.65 -11.92
C PRO A 500 14.27 -11.69 -11.57
N THR A 501 13.52 -10.63 -11.89
CA THR A 501 12.09 -10.61 -11.59
C THR A 501 11.29 -11.30 -12.69
N PRO A 502 10.13 -11.89 -12.36
CA PRO A 502 9.35 -12.63 -13.35
C PRO A 502 8.59 -11.73 -14.32
N VAL A 503 8.35 -10.50 -13.88
CA VAL A 503 7.82 -9.45 -14.73
C VAL A 503 8.60 -8.19 -14.37
N SER A 504 8.45 -7.14 -15.15
CA SER A 504 9.09 -5.87 -14.82
C SER A 504 8.74 -5.38 -13.41
N THR A 505 9.71 -4.78 -12.73
CA THR A 505 9.52 -4.27 -11.38
C THR A 505 8.32 -3.33 -11.30
N GLU A 506 8.04 -2.66 -12.40
CA GLU A 506 6.91 -1.76 -12.49
C GLU A 506 5.60 -2.44 -12.11
N PHE A 507 5.50 -3.74 -12.34
CA PHE A 507 4.27 -4.46 -12.03
C PHE A 507 4.32 -5.18 -10.70
N LEU A 508 5.48 -5.12 -10.03
CA LEU A 508 5.60 -5.63 -8.67
C LEU A 508 5.31 -4.56 -7.63
N THR A 509 5.73 -3.33 -7.90
CA THR A 509 5.56 -2.27 -6.93
C THR A 509 4.09 -2.04 -6.51
N PRO A 510 3.13 -2.16 -7.44
CA PRO A 510 1.74 -2.00 -6.97
C PRO A 510 1.35 -3.04 -5.92
N ILE A 511 1.90 -4.24 -6.06
CA ILE A 511 1.59 -5.32 -5.13
C ILE A 511 2.24 -5.06 -3.78
N LEU A 512 3.50 -4.64 -3.80
CA LEU A 512 4.18 -4.17 -2.60
C LEU A 512 3.38 -3.05 -1.94
N ASN A 513 2.93 -2.09 -2.73
CA ASN A 513 2.23 -0.94 -2.17
C ASN A 513 0.88 -1.31 -1.58
N LEU A 514 0.22 -2.32 -2.14
CA LEU A 514 -1.03 -2.81 -1.55
C LEU A 514 -0.77 -3.34 -0.13
N ALA A 515 0.36 -4.02 0.06
CA ALA A 515 0.72 -4.51 1.39
C ALA A 515 1.02 -3.38 2.34
N ARG A 516 1.73 -2.36 1.84
CA ARG A 516 2.01 -1.17 2.61
C ARG A 516 0.73 -0.48 3.09
N ILE A 517 -0.26 -0.42 2.20
CA ILE A 517 -1.52 0.22 2.56
C ILE A 517 -2.21 -0.49 3.73
N VAL A 518 -2.13 -1.82 3.75
CA VAL A 518 -2.60 -2.60 4.90
C VAL A 518 -1.96 -2.14 6.19
N GLU A 519 -0.62 -2.12 6.19
CA GLU A 519 0.14 -1.75 7.38
C GLU A 519 -0.23 -0.38 7.87
N VAL A 520 -0.41 0.54 6.93
CA VAL A 520 -0.67 1.94 7.29
C VAL A 520 -2.12 2.13 7.74
N THR A 521 -3.05 1.44 7.10
CA THR A 521 -4.47 1.59 7.40
C THR A 521 -4.87 0.92 8.73
N TYR A 522 -4.23 -0.19 9.07
CA TYR A 522 -4.57 -0.89 10.30
C TYR A 522 -3.52 -0.68 11.37
N ILE A 523 -2.73 0.38 11.26
CA ILE A 523 -1.72 0.68 12.27
C ILE A 523 -2.42 0.73 13.63
N HIS A 524 -1.73 0.25 14.67
CA HIS A 524 -2.31 0.17 16.02
C HIS A 524 -3.56 -0.71 16.07
N ASN A 525 -3.65 -1.67 15.14
CA ASN A 525 -4.67 -2.73 15.19
C ASN A 525 -6.11 -2.18 15.15
N LEU A 526 -6.40 -1.29 14.21
CA LEU A 526 -7.72 -0.71 14.07
C LEU A 526 -8.13 -0.62 12.61
N ASP A 527 -9.42 -0.76 12.31
CA ASP A 527 -9.91 -0.70 10.93
C ASP A 527 -10.07 0.74 10.48
N GLY A 528 -9.04 1.27 9.84
CA GLY A 528 -8.99 2.67 9.46
C GLY A 528 -9.88 3.07 8.30
N TYR A 529 -10.25 2.11 7.46
CA TYR A 529 -11.12 2.41 6.32
C TYR A 529 -12.56 2.65 6.79
N THR A 530 -13.04 1.81 7.70
CA THR A 530 -14.38 1.95 8.25
C THR A 530 -14.44 3.12 9.25
N HIS A 531 -13.33 3.37 9.96
CA HIS A 531 -13.25 4.46 10.92
C HIS A 531 -12.04 5.35 10.61
N PRO A 532 -12.15 6.20 9.58
CA PRO A 532 -10.99 6.93 9.07
C PRO A 532 -10.53 8.11 9.93
N GLU A 533 -11.31 8.49 10.94
CA GLU A 533 -11.03 9.67 11.75
C GLU A 533 -9.62 9.69 12.37
N LYS A 534 -9.20 8.58 12.98
CA LYS A 534 -7.93 8.52 13.69
C LYS A 534 -6.71 8.52 12.77
N VAL A 535 -6.70 7.63 11.79
CA VAL A 535 -5.49 7.41 10.99
C VAL A 535 -5.54 8.02 9.59
N LEU A 536 -6.58 7.69 8.82
CA LEU A 536 -6.63 8.12 7.43
C LEU A 536 -6.86 9.62 7.27
N LYS A 537 -7.65 10.20 8.17
CA LYS A 537 -7.98 11.61 8.07
C LYS A 537 -6.72 12.49 8.07
N PRO A 538 -5.78 12.27 9.03
CA PRO A 538 -4.56 13.08 8.95
C PRO A 538 -3.77 12.88 7.64
N HIS A 539 -3.69 11.65 7.14
CA HIS A 539 -2.97 11.39 5.91
C HIS A 539 -3.62 12.11 4.73
N ILE A 540 -4.94 12.06 4.67
CA ILE A 540 -5.67 12.71 3.61
C ILE A 540 -5.46 14.23 3.65
N ILE A 541 -5.46 14.81 4.84
CA ILE A 541 -5.22 16.24 4.97
C ILE A 541 -3.80 16.60 4.52
N ASN A 542 -2.84 15.77 4.90
CA ASN A 542 -1.44 16.07 4.61
C ASN A 542 -1.10 15.85 3.14
N LEU A 543 -1.80 14.93 2.52
CA LEU A 543 -1.53 14.61 1.12
C LEU A 543 -2.41 15.37 0.12
N LEU A 544 -3.64 15.70 0.52
CA LEU A 544 -4.62 16.18 -0.44
C LEU A 544 -5.30 17.49 -0.07
N VAL A 545 -5.01 18.03 1.11
CA VAL A 545 -5.61 19.30 1.51
C VAL A 545 -4.52 20.36 1.69
N ASP A 546 -3.55 20.10 2.55
CA ASP A 546 -2.55 21.10 2.90
C ASP A 546 -1.31 21.00 2.00
N SER A 547 -0.93 22.11 1.36
CA SER A 547 0.34 22.09 0.64
C SER A 547 1.52 22.21 1.61
N ILE A 548 2.69 21.77 1.18
CA ILE A 548 3.88 21.97 2.01
C ILE A 548 4.29 23.43 1.93
N LYS A 549 4.48 24.08 3.07
CA LYS A 549 4.84 25.50 3.04
C LYS A 549 6.30 25.62 2.64
N ILE A 550 6.55 26.57 1.74
CA ILE A 550 7.86 26.79 1.18
C ILE A 550 8.53 28.00 1.83
MG MG B . -13.45 -8.28 7.68
MG MG C . -17.35 -7.82 4.34
O01 6BX D . -12.97 -7.24 5.18
S02 6BX D . -11.72 -7.36 4.38
C03 6BX D . -11.07 -5.78 3.99
C04 6BX D . -11.90 -5.16 2.85
O05 6BX D . -13.21 -4.97 3.27
C06 6BX D . -11.35 -3.77 2.41
N07 6BX D . -12.21 -3.15 1.46
C08 6BX D . -12.02 -1.73 1.59
C09 6BX D . -12.01 -0.96 0.30
O10 6BX D . -11.26 -1.63 -0.71
C11 6BX D . -11.86 -2.86 -1.01
C12 6BX D . -11.90 -3.77 0.19
O13 6BX D . -11.95 -8.16 3.08
O14 6BX D . -10.82 -8.11 5.31
O01 6BY E . -11.85 -8.44 3.37
S02 6BY E . -11.90 -7.56 4.59
C03 6BY E . -12.49 -5.95 4.22
C04 6BY E . -11.82 -5.42 2.92
O05 6BY E . -10.48 -5.19 3.18
C06 6BY E . -12.47 -4.07 2.51
N07 6BY E . -11.70 -3.28 1.58
C08 6BY E . -11.99 -3.74 0.27
C09 6BY E . -11.54 -2.77 -0.79
O10 6BY E . -12.16 -1.49 -0.57
C11 6BY E . -11.84 -0.95 0.72
C12 6BY E . -12.09 -1.92 1.83
O13 6BY E . -12.76 -8.20 5.67
O14 6BY E . -10.47 -7.55 4.98
#